data_8F6G
#
_entry.id   8F6G
#
_cell.length_a   26.976
_cell.length_b   66.859
_cell.length_c   39.564
_cell.angle_alpha   90.00
_cell.angle_beta   104.94
_cell.angle_gamma   90.00
#
_symmetry.space_group_name_H-M   'P 1 21 1'
#
loop_
_entity.id
_entity.type
_entity.pdbx_description
1 polymer 'Nucleosome-remodeling factor subunit BPTF'
2 non-polymer 6-[4-(2-aminoethyl)anilino]-5-chloro-3-methylpyrimidin-4(3H)-one
3 water water
#
_entity_poly.entity_id   1
_entity_poly.type   'polypeptide(L)'
_entity_poly.pdbx_seq_one_letter_code
;SMSTEDAMTVLTPLTEKDYEGLKRVLRSLQAHKMAWPFLEPVDPNDAPDYYGVIKEPMDLATMEERVQRRYYEKLTEFVA
DMTKIFDNCRYYNPSDSPFYQCAEVLESFFVQKLKGFKASRSH
;
_entity_poly.pdbx_strand_id   A
#
# COMPACT_ATOMS: atom_id res chain seq x y z
N SER A 3 21.11 3.82 6.70
CA SER A 3 21.34 5.17 6.17
C SER A 3 20.47 6.19 6.89
N THR A 4 20.59 7.45 6.48
CA THR A 4 19.80 8.52 7.11
C THR A 4 18.31 8.28 6.90
N GLU A 5 17.92 7.91 5.67
CA GLU A 5 16.51 7.68 5.38
C GLU A 5 16.00 6.39 6.00
N ASP A 6 16.89 5.41 6.15
CA ASP A 6 16.49 4.10 6.73
C ASP A 6 16.07 4.30 8.19
N ALA A 7 16.99 4.82 9.01
CA ALA A 7 16.70 5.04 10.42
C ALA A 7 15.57 6.04 10.60
N MET A 8 15.51 7.05 9.73
CA MET A 8 14.43 8.03 9.81
C MET A 8 13.09 7.40 9.47
N THR A 9 13.07 6.44 8.54
CA THR A 9 11.85 5.70 8.24
C THR A 9 11.38 4.90 9.45
N VAL A 10 12.31 4.35 10.21
CA VAL A 10 11.98 3.51 11.36
C VAL A 10 11.67 4.35 12.59
N LEU A 11 12.38 5.45 12.80
CA LEU A 11 12.39 6.13 14.08
C LEU A 11 11.69 7.47 14.12
N THR A 12 11.64 8.22 13.01
CA THR A 12 11.11 9.58 13.06
C THR A 12 9.59 9.56 13.06
N PRO A 13 8.94 10.11 14.09
CA PRO A 13 7.46 10.12 14.10
C PRO A 13 6.89 10.95 12.95
N LEU A 14 5.78 10.46 12.39
CA LEU A 14 5.13 11.17 11.31
C LEU A 14 4.46 12.44 11.82
N THR A 15 4.62 13.53 11.08
CA THR A 15 4.04 14.81 11.43
C THR A 15 2.87 15.12 10.50
N GLU A 16 2.17 16.22 10.79
CA GLU A 16 1.11 16.66 9.88
C GLU A 16 1.69 16.96 8.51
N LYS A 17 2.89 17.55 8.47
CA LYS A 17 3.59 17.78 7.20
C LYS A 17 3.82 16.47 6.44
N ASP A 18 4.27 15.43 7.14
CA ASP A 18 4.47 14.14 6.48
C ASP A 18 3.16 13.61 5.91
N TYR A 19 2.06 13.77 6.66
CA TYR A 19 0.79 13.22 6.23
C TYR A 19 0.29 13.86 4.94
N GLU A 20 0.67 15.11 4.66
CA GLU A 20 0.41 15.69 3.34
C GLU A 20 1.12 14.89 2.26
N GLY A 21 2.32 14.39 2.53
CA GLY A 21 3.02 13.57 1.56
C GLY A 21 2.43 12.17 1.45
N LEU A 22 1.97 11.61 2.57
CA LEU A 22 1.36 10.29 2.53
C LEU A 22 0.08 10.28 1.69
N LYS A 23 -0.74 11.33 1.82
CA LYS A 23 -1.97 11.41 1.04
C LYS A 23 -1.67 11.58 -0.45
N ARG A 24 -0.63 12.37 -0.77
CA ARG A 24 -0.27 12.56 -2.17
CA ARG A 24 -0.27 12.56 -2.17
C ARG A 24 0.19 11.24 -2.80
N VAL A 25 1.03 10.48 -2.09
CA VAL A 25 1.49 9.19 -2.60
C VAL A 25 0.30 8.27 -2.84
N LEU A 26 -0.59 8.17 -1.85
CA LEU A 26 -1.76 7.30 -1.98
C LEU A 26 -2.64 7.74 -3.14
N ARG A 27 -2.87 9.05 -3.27
CA ARG A 27 -3.70 9.56 -4.36
C ARG A 27 -3.10 9.24 -5.73
N SER A 28 -1.77 9.32 -5.84
CA SER A 28 -1.12 8.97 -7.09
C SER A 28 -1.25 7.48 -7.40
N LEU A 29 -1.30 6.64 -6.36
CA LEU A 29 -1.54 5.22 -6.58
C LEU A 29 -2.98 4.97 -7.02
N GLN A 30 -3.94 5.61 -6.34
CA GLN A 30 -5.35 5.39 -6.69
C GLN A 30 -5.65 5.81 -8.12
N ALA A 31 -4.88 6.76 -8.67
CA ALA A 31 -5.10 7.22 -10.03
C ALA A 31 -4.38 6.38 -11.08
N HIS A 32 -3.51 5.46 -10.66
CA HIS A 32 -2.77 4.64 -11.60
C HIS A 32 -3.70 3.63 -12.27
N LYS A 33 -3.43 3.35 -13.55
CA LYS A 33 -4.29 2.46 -14.31
C LYS A 33 -4.24 1.02 -13.80
N MET A 34 -3.11 0.59 -13.25
CA MET A 34 -2.98 -0.77 -12.75
C MET A 34 -3.37 -0.92 -11.27
N ALA A 35 -3.97 0.11 -10.67
CA ALA A 35 -4.42 0.06 -9.29
C ALA A 35 -5.86 -0.45 -9.16
N TRP A 36 -6.53 -0.75 -10.27
CA TRP A 36 -7.93 -1.14 -10.21
C TRP A 36 -8.24 -2.33 -9.29
N PRO A 37 -7.37 -3.34 -9.11
CA PRO A 37 -7.73 -4.44 -8.21
C PRO A 37 -7.57 -4.11 -6.73
N PHE A 38 -6.96 -2.98 -6.39
CA PHE A 38 -6.62 -2.65 -5.00
C PHE A 38 -7.35 -1.41 -4.49
N LEU A 39 -8.25 -0.84 -5.30
CA LEU A 39 -8.98 0.35 -4.88
C LEU A 39 -9.91 0.05 -3.72
N GLU A 40 -10.54 -1.11 -3.73
CA GLU A 40 -11.54 -1.52 -2.76
C GLU A 40 -11.22 -2.93 -2.29
N PRO A 41 -11.75 -3.35 -1.14
CA PRO A 41 -11.50 -4.71 -0.66
C PRO A 41 -11.92 -5.77 -1.66
N VAL A 42 -11.22 -6.91 -1.61
CA VAL A 42 -11.54 -8.04 -2.47
C VAL A 42 -12.97 -8.49 -2.19
N ASP A 43 -13.74 -8.70 -3.26
CA ASP A 43 -15.09 -9.24 -3.11
C ASP A 43 -15.00 -10.75 -2.90
N PRO A 44 -15.48 -11.28 -1.79
CA PRO A 44 -15.38 -12.74 -1.56
C PRO A 44 -16.19 -13.56 -2.55
N ASN A 45 -17.24 -12.99 -3.16
CA ASN A 45 -17.93 -13.71 -4.23
C ASN A 45 -17.02 -13.91 -5.44
N ASP A 46 -16.02 -13.06 -5.61
CA ASP A 46 -15.06 -13.22 -6.71
C ASP A 46 -13.95 -14.18 -6.36
N ALA A 47 -13.62 -14.28 -5.07
N ALA A 47 -13.72 -14.43 -5.08
CA ALA A 47 -12.43 -15.08 -4.72
CA ALA A 47 -12.72 -15.40 -4.63
C ALA A 47 -12.78 -16.15 -3.69
C ALA A 47 -13.20 -16.04 -3.32
N PRO A 48 -12.84 -17.42 -4.13
N PRO A 48 -13.91 -17.17 -3.42
CA PRO A 48 -13.13 -18.53 -3.25
CA PRO A 48 -14.56 -17.71 -2.22
C PRO A 48 -12.05 -18.70 -2.18
C PRO A 48 -13.65 -18.02 -1.03
N ASP A 49 -12.45 -18.66 -0.92
N ASP A 49 -12.44 -18.54 -1.25
CA ASP A 49 -11.46 -18.94 0.17
CA ASP A 49 -11.56 -18.94 -0.15
C ASP A 49 -10.43 -17.82 0.28
C ASP A 49 -10.56 -17.85 0.25
N TYR A 50 -10.68 -16.66 -0.32
CA TYR A 50 -9.72 -15.58 -0.11
C TYR A 50 -9.59 -15.21 1.36
N TYR A 51 -10.71 -14.91 2.01
CA TYR A 51 -10.65 -14.50 3.41
C TYR A 51 -10.43 -15.66 4.36
N GLY A 52 -10.52 -16.90 3.87
CA GLY A 52 -10.08 -18.03 4.66
C GLY A 52 -8.60 -18.29 4.63
N VAL A 53 -7.88 -17.73 3.65
CA VAL A 53 -6.45 -17.96 3.54
C VAL A 53 -5.63 -16.70 3.80
N ILE A 54 -6.17 -15.50 3.53
CA ILE A 54 -5.44 -14.27 3.75
C ILE A 54 -5.67 -13.79 5.18
N LYS A 55 -4.60 -13.73 5.96
CA LYS A 55 -4.73 -13.39 7.38
C LYS A 55 -5.06 -11.92 7.58
N GLU A 56 -4.33 -11.02 6.91
CA GLU A 56 -4.50 -9.58 7.07
C GLU A 56 -4.76 -8.96 5.71
N PRO A 57 -6.01 -8.94 5.25
CA PRO A 57 -6.32 -8.26 3.99
C PRO A 57 -6.12 -6.76 4.10
N MET A 58 -5.84 -6.13 2.96
CA MET A 58 -5.61 -4.69 2.92
C MET A 58 -5.95 -4.18 1.53
N ASP A 59 -6.34 -2.90 1.48
CA ASP A 59 -6.73 -2.25 0.24
C ASP A 59 -6.53 -0.75 0.37
N LEU A 60 -6.55 -0.05 -0.77
CA LEU A 60 -6.22 1.37 -0.78
C LEU A 60 -7.26 2.21 -0.06
N ALA A 61 -8.53 1.78 -0.08
CA ALA A 61 -9.56 2.53 0.64
C ALA A 61 -9.39 2.42 2.14
N THR A 62 -8.97 1.24 2.63
CA THR A 62 -8.67 1.11 4.05
C THR A 62 -7.49 1.98 4.45
N MET A 63 -6.45 2.02 3.61
CA MET A 63 -5.29 2.87 3.92
C MET A 63 -5.64 4.35 3.83
N GLU A 64 -6.56 4.73 2.94
CA GLU A 64 -7.01 6.12 2.89
C GLU A 64 -7.71 6.51 4.18
N GLU A 65 -8.55 5.62 4.72
CA GLU A 65 -9.18 5.87 6.01
C GLU A 65 -8.13 6.01 7.11
N ARG A 66 -7.15 5.10 7.12
CA ARG A 66 -6.12 5.15 8.15
C ARG A 66 -5.26 6.40 8.01
N VAL A 67 -4.99 6.85 6.78
CA VAL A 67 -4.24 8.09 6.59
C VAL A 67 -5.06 9.27 7.10
N GLN A 68 -6.36 9.28 6.83
CA GLN A 68 -7.22 10.37 7.30
C GLN A 68 -7.22 10.46 8.82
N ARG A 69 -7.33 9.32 9.50
CA ARG A 69 -7.45 9.30 10.95
C ARG A 69 -6.09 9.32 11.66
N ARG A 70 -5.01 9.59 10.93
CA ARG A 70 -3.66 9.62 11.49
C ARG A 70 -3.34 8.33 12.23
N TYR A 71 -3.63 7.20 11.58
CA TYR A 71 -3.42 5.90 12.21
C TYR A 71 -1.94 5.58 12.35
N TYR A 72 -1.13 5.95 11.36
CA TYR A 72 0.28 5.57 11.33
C TYR A 72 1.12 6.54 12.16
N GLU A 73 1.98 5.98 13.00
CA GLU A 73 2.95 6.77 13.75
C GLU A 73 4.32 6.85 13.08
N LYS A 74 4.70 5.80 12.35
CA LYS A 74 5.99 5.74 11.68
C LYS A 74 5.78 5.36 10.23
N LEU A 75 6.73 5.75 9.38
CA LEU A 75 6.62 5.44 7.96
C LEU A 75 6.67 3.94 7.72
N THR A 76 7.42 3.20 8.55
CA THR A 76 7.47 1.74 8.40
C THR A 76 6.08 1.12 8.48
N GLU A 77 5.21 1.66 9.35
CA GLU A 77 3.86 1.11 9.48
C GLU A 77 3.03 1.38 8.24
N PHE A 78 3.21 2.55 7.62
CA PHE A 78 2.52 2.86 6.38
C PHE A 78 3.00 1.95 5.25
N VAL A 79 4.32 1.79 5.11
CA VAL A 79 4.87 0.90 4.10
C VAL A 79 4.46 -0.55 4.34
N ALA A 80 4.34 -0.95 5.61
CA ALA A 80 3.97 -2.33 5.91
C ALA A 80 2.54 -2.62 5.45
N ASP A 81 1.62 -1.68 5.64
CA ASP A 81 0.25 -1.86 5.16
C ASP A 81 0.22 -1.94 3.64
N MET A 82 0.93 -1.03 2.97
CA MET A 82 0.97 -1.06 1.52
C MET A 82 1.60 -2.34 0.99
N THR A 83 2.68 -2.80 1.64
CA THR A 83 3.33 -4.03 1.22
C THR A 83 2.40 -5.23 1.37
N LYS A 84 1.50 -5.20 2.36
CA LYS A 84 0.53 -6.28 2.53
C LYS A 84 -0.40 -6.40 1.33
N ILE A 85 -0.76 -5.27 0.73
CA ILE A 85 -1.64 -5.30 -0.45
C ILE A 85 -1.02 -6.16 -1.55
N PHE A 86 0.24 -5.91 -1.86
CA PHE A 86 0.90 -6.62 -2.95
C PHE A 86 1.31 -8.03 -2.54
N ASP A 87 1.75 -8.20 -1.30
CA ASP A 87 2.12 -9.54 -0.84
C ASP A 87 0.92 -10.46 -0.77
N ASN A 88 -0.23 -9.94 -0.33
CA ASN A 88 -1.45 -10.75 -0.32
C ASN A 88 -1.83 -11.17 -1.73
N CYS A 89 -1.72 -10.25 -2.69
CA CYS A 89 -2.10 -10.55 -4.07
C CYS A 89 -1.21 -11.64 -4.65
N ARG A 90 0.10 -11.49 -4.52
CA ARG A 90 1.01 -12.48 -5.08
C ARG A 90 0.99 -13.80 -4.32
N TYR A 91 0.50 -13.79 -3.07
CA TYR A 91 0.36 -15.02 -2.31
C TYR A 91 -0.79 -15.87 -2.82
N TYR A 92 -1.91 -15.23 -3.14
CA TYR A 92 -3.14 -15.91 -3.52
C TYR A 92 -3.24 -16.22 -5.02
N ASN A 93 -2.60 -15.43 -5.88
CA ASN A 93 -2.82 -15.56 -7.31
C ASN A 93 -1.60 -16.15 -8.02
N PRO A 94 -1.81 -16.85 -9.13
CA PRO A 94 -0.67 -17.33 -9.93
C PRO A 94 0.04 -16.17 -10.61
N SER A 95 1.30 -16.41 -10.98
CA SER A 95 2.15 -15.34 -11.49
C SER A 95 1.65 -14.77 -12.81
N ASP A 96 0.92 -15.58 -13.58
CA ASP A 96 0.36 -15.12 -14.86
C ASP A 96 -1.07 -14.60 -14.71
N SER A 97 -1.48 -14.29 -13.50
CA SER A 97 -2.79 -13.69 -13.30
C SER A 97 -2.72 -12.19 -13.53
N PRO A 98 -3.79 -11.58 -14.05
CA PRO A 98 -3.81 -10.10 -14.16
C PRO A 98 -3.67 -9.40 -12.83
N PHE A 99 -4.20 -9.98 -11.75
CA PHE A 99 -4.01 -9.39 -10.43
C PHE A 99 -2.54 -9.38 -10.05
N TYR A 100 -1.86 -10.52 -10.20
CA TYR A 100 -0.44 -10.63 -9.90
C TYR A 100 0.37 -9.59 -10.66
N GLN A 101 0.11 -9.46 -11.96
CA GLN A 101 0.84 -8.50 -12.77
C GLN A 101 0.61 -7.07 -12.28
N CYS A 102 -0.62 -6.78 -11.85
CA CYS A 102 -0.92 -5.45 -11.31
C CYS A 102 -0.11 -5.16 -10.05
N ALA A 103 0.00 -6.15 -9.16
CA ALA A 103 0.78 -5.95 -7.94
C ALA A 103 2.25 -5.69 -8.26
N GLU A 104 2.77 -6.28 -9.34
CA GLU A 104 4.17 -6.08 -9.70
C GLU A 104 4.39 -4.67 -10.25
N VAL A 105 3.48 -4.20 -11.09
CA VAL A 105 3.61 -2.87 -11.66
C VAL A 105 3.40 -1.79 -10.60
N LEU A 106 2.34 -1.95 -9.79
CA LEU A 106 2.00 -0.90 -8.83
C LEU A 106 3.01 -0.83 -7.69
N GLU A 107 3.59 -1.96 -7.28
CA GLU A 107 4.59 -1.91 -6.22
C GLU A 107 5.85 -1.18 -6.68
N SER A 108 6.27 -1.42 -7.92
CA SER A 108 7.37 -0.63 -8.47
C SER A 108 7.02 0.85 -8.49
N PHE A 109 5.79 1.19 -8.91
CA PHE A 109 5.37 2.58 -8.91
C PHE A 109 5.37 3.16 -7.50
N PHE A 110 4.87 2.38 -6.52
CA PHE A 110 4.87 2.86 -5.14
C PHE A 110 6.28 3.07 -4.61
N VAL A 111 7.23 2.20 -5.01
CA VAL A 111 8.60 2.36 -4.54
C VAL A 111 9.21 3.64 -5.09
N GLN A 112 8.91 3.96 -6.35
CA GLN A 112 9.36 5.23 -6.92
C GLN A 112 8.82 6.42 -6.12
N LYS A 113 7.53 6.38 -5.79
CA LYS A 113 6.92 7.50 -5.07
C LYS A 113 7.39 7.55 -3.62
N LEU A 114 7.59 6.37 -3.00
CA LEU A 114 8.07 6.33 -1.62
C LEU A 114 9.46 6.91 -1.51
N LYS A 115 10.35 6.62 -2.47
CA LYS A 115 11.69 7.19 -2.45
C LYS A 115 11.63 8.71 -2.57
N GLY A 116 10.71 9.23 -3.38
CA GLY A 116 10.53 10.67 -3.45
C GLY A 116 10.07 11.26 -2.14
N PHE A 117 9.14 10.57 -1.47
CA PHE A 117 8.64 11.06 -0.19
C PHE A 117 9.72 11.03 0.88
N LYS A 118 10.53 9.97 0.91
CA LYS A 118 11.60 9.87 1.91
C LYS A 118 12.63 10.98 1.70
N ALA A 119 12.91 11.33 0.44
CA ALA A 119 13.86 12.39 0.16
C ALA A 119 13.31 13.76 0.55
N SER A 120 11.99 13.95 0.45
CA SER A 120 11.39 15.22 0.83
C SER A 120 11.34 15.41 2.34
N ARG A 121 11.44 14.35 3.12
CA ARG A 121 11.37 14.56 4.57
C ARG A 121 12.74 15.00 5.09
N SER A 122 13.80 14.51 4.46
CA SER A 122 15.18 14.71 4.98
C SER A 122 15.87 15.94 4.41
N HIS A 123 15.38 16.46 3.29
CA HIS A 123 15.96 17.70 2.72
C HIS A 123 14.84 18.54 2.09
#